data_6CH3
#
_entry.id   6CH3
#
_cell.length_a   73.298
_cell.length_b   88.623
_cell.length_c   117.327
_cell.angle_alpha   90.00
_cell.angle_beta   90.00
_cell.angle_gamma   90.00
#
_symmetry.space_group_name_H-M   'P 21 21 21'
#
loop_
_entity.id
_entity.type
_entity.pdbx_description
1 polymer 'Flagellar biosynthesis protein FlhA'
2 polymer 'Flagellar secretion chaperone FliS,Flagellin'
3 water water
#
loop_
_entity_poly.entity_id
_entity_poly.type
_entity_poly.pdbx_seq_one_letter_code
_entity_poly.pdbx_strand_id
1 'polypeptide(L)'
;EDSLGMEVGYRLIPMVDFQQDGELLGRIRSIRKKFAQDMGFLPPVVHIRDNMDLQPARYRILMKGVEIGSGDAYPGRWLA
INPGTAAGTLPGEKTVDPAFGLDAIWIESALKEQAQIQGFTVVEASTVVATHLNHLIGQFSAELFGRQEAQQLLDRVSQE
MPKLTEDLVPGVVTLTTLHKVLQNLLAEKVPIRDMRTILETLAEHAPLQSDPHELTAVVRVALGRAITQQWFPGNEEVQV
IGLDTALERLLLQALQGGGGLEPGLADRLLAQTQEALSRQEMLGAPPVLLVNHALRPLLSRFLRRSLPQLVVLSNLELSD
NRHIRMTATIG
;
A
2 'polypeptide(L)'
;MYTASGIKAYAQVSVESAVMSASPHQLIEMLFDGANSALVRARLFLEQGDVVAKGEALSKAINIIDNGLKAGLDQEKGGE
IATNLSELYDYMIRRLLQANLRNDAQAIEEVERLLSNIAEAWKQISPKASFQESRGTASGAGGSEGGGSEGGTSGATEDS
DYATEVSNMSRAQILQQAGTSVLAQANQVPQNVLSLLR
;
B
#
# COMPACT_ATOMS: atom_id res chain seq x y z
N GLU A 1 -27.27 -6.31 5.48
CA GLU A 1 -26.31 -6.49 6.56
C GLU A 1 -25.19 -5.47 6.46
N ASP A 2 -23.96 -5.90 6.75
CA ASP A 2 -22.80 -5.02 6.72
C ASP A 2 -22.20 -5.00 5.32
N SER A 3 -21.95 -3.80 4.81
CA SER A 3 -21.32 -3.67 3.49
C SER A 3 -19.88 -4.14 3.53
N LEU A 4 -19.16 -3.84 4.61
CA LEU A 4 -17.81 -4.32 4.82
C LEU A 4 -17.70 -4.88 6.24
N GLY A 5 -17.48 -6.18 6.34
CA GLY A 5 -17.38 -6.83 7.63
C GLY A 5 -16.16 -7.73 7.69
N MET A 6 -15.75 -8.01 8.93
CA MET A 6 -14.60 -8.88 9.18
C MET A 6 -14.84 -9.66 10.46
N GLU A 7 -14.80 -10.98 10.36
CA GLU A 7 -14.99 -11.88 11.49
C GLU A 7 -13.67 -12.55 11.82
N VAL A 8 -13.23 -12.43 13.07
CA VAL A 8 -11.95 -12.96 13.51
C VAL A 8 -12.17 -13.94 14.65
N GLY A 9 -11.19 -14.82 14.84
CA GLY A 9 -11.17 -15.70 15.99
C GLY A 9 -10.74 -14.97 17.24
N TYR A 10 -10.77 -15.70 18.36
CA TYR A 10 -10.46 -15.07 19.64
C TYR A 10 -8.98 -14.77 19.79
N ARG A 11 -8.10 -15.44 19.03
CA ARG A 11 -6.69 -15.10 19.06
C ARG A 11 -6.39 -13.78 18.37
N LEU A 12 -7.26 -13.34 17.46
CA LEU A 12 -7.06 -12.10 16.74
C LEU A 12 -7.72 -10.91 17.41
N ILE A 13 -8.36 -11.11 18.57
CA ILE A 13 -9.02 -10.00 19.25
C ILE A 13 -8.03 -8.92 19.70
N PRO A 14 -6.84 -9.24 20.25
CA PRO A 14 -5.92 -8.16 20.62
C PRO A 14 -5.52 -7.26 19.46
N MET A 15 -5.48 -7.77 18.24
CA MET A 15 -5.13 -6.95 17.09
C MET A 15 -6.24 -6.00 16.67
N VAL A 16 -7.49 -6.28 17.05
CA VAL A 16 -8.63 -5.46 16.68
C VAL A 16 -9.23 -4.76 17.89
N ASP A 17 -8.57 -4.80 19.03
CA ASP A 17 -9.06 -4.17 20.25
C ASP A 17 -8.28 -2.89 20.50
N PHE A 18 -9.01 -1.76 20.56
CA PHE A 18 -8.36 -0.47 20.77
C PHE A 18 -7.79 -0.35 22.17
N GLN A 19 -8.37 -1.06 23.15
CA GLN A 19 -7.87 -1.02 24.52
C GLN A 19 -6.58 -1.83 24.67
N GLN A 20 -6.32 -2.79 23.79
CA GLN A 20 -5.08 -3.56 23.84
C GLN A 20 -4.09 -2.97 22.85
N ASP A 21 -3.28 -3.82 22.21
CA ASP A 21 -2.32 -3.32 21.23
C ASP A 21 -3.03 -2.75 20.02
N GLY A 22 -3.81 -3.57 19.31
CA GLY A 22 -4.61 -3.10 18.20
C GLY A 22 -3.79 -2.66 17.00
N GLU A 23 -2.83 -3.48 16.57
CA GLU A 23 -2.05 -3.14 15.39
C GLU A 23 -2.89 -3.25 14.13
N LEU A 24 -3.71 -4.30 14.02
CA LEU A 24 -4.51 -4.50 12.81
C LEU A 24 -5.60 -3.45 12.69
N LEU A 25 -6.09 -2.92 13.81
CA LEU A 25 -7.12 -1.90 13.76
C LEU A 25 -6.59 -0.60 13.15
N GLY A 26 -5.37 -0.22 13.53
CA GLY A 26 -4.79 1.00 12.97
C GLY A 26 -4.43 0.87 11.50
N ARG A 27 -4.08 -0.34 11.06
CA ARG A 27 -3.71 -0.54 9.67
C ARG A 27 -4.94 -0.43 8.76
N ILE A 28 -6.09 -0.92 9.23
CA ILE A 28 -7.32 -0.81 8.45
C ILE A 28 -7.69 0.65 8.23
N ARG A 29 -7.54 1.48 9.27
CA ARG A 29 -7.86 2.89 9.13
C ARG A 29 -6.88 3.61 8.21
N SER A 30 -5.64 3.13 8.13
CA SER A 30 -4.69 3.71 7.17
C SER A 30 -5.04 3.31 5.74
N ILE A 31 -5.46 2.06 5.54
CA ILE A 31 -5.86 1.62 4.21
C ILE A 31 -7.12 2.36 3.76
N ARG A 32 -8.04 2.60 4.69
CA ARG A 32 -9.25 3.36 4.36
C ARG A 32 -8.90 4.81 4.02
N LYS A 33 -7.90 5.38 4.71
CA LYS A 33 -7.50 6.75 4.42
C LYS A 33 -6.85 6.86 3.05
N LYS A 34 -5.97 5.92 2.70
CA LYS A 34 -5.38 5.93 1.37
C LYS A 34 -6.40 5.59 0.30
N PHE A 35 -7.39 4.75 0.63
CA PHE A 35 -8.53 4.53 -0.25
C PHE A 35 -9.20 5.87 -0.57
N ALA A 36 -9.53 6.64 0.46
CA ALA A 36 -10.17 7.94 0.25
C ALA A 36 -9.27 8.90 -0.51
N GLN A 37 -7.94 8.71 -0.46
CA GLN A 37 -7.03 9.59 -1.16
C GLN A 37 -6.90 9.20 -2.64
N ASP A 38 -6.78 7.90 -2.93
CA ASP A 38 -6.49 7.46 -4.28
C ASP A 38 -7.73 7.41 -5.15
N MET A 39 -8.81 6.80 -4.66
CA MET A 39 -9.99 6.61 -5.49
C MET A 39 -10.89 7.84 -5.49
N GLY A 40 -10.91 8.61 -4.40
CA GLY A 40 -11.60 9.88 -4.37
C GLY A 40 -12.87 9.92 -3.55
N PHE A 41 -13.23 8.84 -2.86
CA PHE A 41 -14.41 8.83 -2.02
C PHE A 41 -14.15 8.03 -0.76
N LEU A 42 -14.92 8.31 0.28
CA LEU A 42 -14.79 7.63 1.56
C LEU A 42 -15.53 6.30 1.53
N PRO A 43 -14.82 5.18 1.62
CA PRO A 43 -15.49 3.88 1.57
C PRO A 43 -16.18 3.58 2.88
N PRO A 44 -17.12 2.63 2.91
CA PRO A 44 -17.77 2.26 4.17
C PRO A 44 -16.78 1.64 5.15
N VAL A 45 -17.11 1.76 6.43
CA VAL A 45 -16.23 1.24 7.48
C VAL A 45 -16.19 -0.28 7.43
N VAL A 46 -15.13 -0.84 8.01
CA VAL A 46 -14.95 -2.29 8.10
C VAL A 46 -15.40 -2.68 9.50
N HIS A 47 -16.66 -3.10 9.62
CA HIS A 47 -17.20 -3.52 10.91
C HIS A 47 -16.55 -4.84 11.32
N ILE A 48 -15.91 -4.85 12.49
CA ILE A 48 -15.16 -6.00 12.97
C ILE A 48 -15.94 -6.65 14.11
N ARG A 49 -16.34 -7.90 13.91
CA ARG A 49 -17.00 -8.70 14.93
C ARG A 49 -16.16 -9.94 15.24
N ASP A 50 -16.35 -10.46 16.44
CA ASP A 50 -15.67 -11.69 16.86
C ASP A 50 -16.60 -12.88 16.67
N ASN A 51 -16.05 -13.96 16.11
CA ASN A 51 -16.81 -15.18 15.84
C ASN A 51 -16.06 -16.34 16.48
N MET A 52 -16.62 -16.88 17.57
CA MET A 52 -15.99 -17.99 18.27
C MET A 52 -16.09 -19.31 17.51
N ASP A 53 -16.96 -19.40 16.50
CA ASP A 53 -17.03 -20.62 15.70
C ASP A 53 -15.82 -20.79 14.79
N LEU A 54 -15.11 -19.71 14.48
CA LEU A 54 -13.92 -19.79 13.66
C LEU A 54 -12.74 -20.34 14.47
N GLN A 55 -11.67 -20.69 13.75
CA GLN A 55 -10.44 -21.07 14.41
C GLN A 55 -9.87 -19.87 15.17
N PRO A 56 -9.03 -20.13 16.17
CA PRO A 56 -8.45 -19.00 16.93
C PRO A 56 -7.76 -17.95 16.07
N ALA A 57 -6.83 -18.36 15.20
CA ALA A 57 -6.09 -17.46 14.35
C ALA A 57 -6.70 -17.32 12.96
N ARG A 58 -8.01 -17.46 12.85
CA ARG A 58 -8.72 -17.40 11.57
C ARG A 58 -9.51 -16.12 11.45
N TYR A 59 -9.44 -15.49 10.28
CA TYR A 59 -10.20 -14.29 9.99
C TYR A 59 -11.00 -14.50 8.71
N ARG A 60 -12.09 -13.75 8.57
CA ARG A 60 -12.94 -13.80 7.39
C ARG A 60 -13.35 -12.39 7.02
N ILE A 61 -13.13 -12.02 5.75
CA ILE A 61 -13.51 -10.71 5.23
C ILE A 61 -14.86 -10.87 4.55
N LEU A 62 -15.83 -10.07 4.99
CA LEU A 62 -17.20 -10.15 4.51
C LEU A 62 -17.58 -8.90 3.73
N MET A 63 -18.51 -9.07 2.79
CA MET A 63 -19.06 -7.95 2.02
C MET A 63 -20.50 -8.28 1.69
N LYS A 64 -21.43 -7.45 2.20
CA LYS A 64 -22.87 -7.69 2.05
C LYS A 64 -23.26 -9.06 2.58
N GLY A 65 -22.54 -9.55 3.59
CA GLY A 65 -22.78 -10.87 4.12
C GLY A 65 -22.14 -12.01 3.35
N VAL A 66 -21.48 -11.72 2.23
CA VAL A 66 -20.86 -12.73 1.40
C VAL A 66 -19.35 -12.73 1.67
N GLU A 67 -18.79 -13.92 1.87
CA GLU A 67 -17.36 -14.03 2.14
C GLU A 67 -16.55 -13.78 0.87
N ILE A 68 -15.57 -12.90 0.96
CA ILE A 68 -14.70 -12.60 -0.17
C ILE A 68 -13.24 -12.94 0.11
N GLY A 69 -12.88 -13.34 1.33
CA GLY A 69 -11.51 -13.68 1.64
C GLY A 69 -11.33 -14.20 3.05
N SER A 70 -10.34 -15.06 3.24
CA SER A 70 -10.04 -15.62 4.55
C SER A 70 -8.59 -16.10 4.55
N GLY A 71 -8.14 -16.50 5.74
CA GLY A 71 -6.78 -16.99 5.88
C GLY A 71 -6.39 -17.05 7.34
N ASP A 72 -5.13 -17.43 7.54
CA ASP A 72 -4.56 -17.56 8.89
C ASP A 72 -3.70 -16.34 9.20
N ALA A 73 -3.60 -16.03 10.51
CA ALA A 73 -2.78 -14.92 10.97
C ALA A 73 -2.38 -15.22 12.41
N TYR A 74 -1.11 -15.55 12.63
CA TYR A 74 -0.62 -15.87 13.96
C TYR A 74 0.08 -14.65 14.54
N PRO A 75 -0.41 -14.10 15.66
CA PRO A 75 0.06 -12.78 16.13
C PRO A 75 1.56 -12.71 16.39
N GLY A 76 2.07 -13.54 17.29
CA GLY A 76 3.47 -13.46 17.67
C GLY A 76 4.46 -13.83 16.59
N ARG A 77 4.00 -14.45 15.51
CA ARG A 77 4.89 -14.94 14.46
C ARG A 77 4.94 -13.96 13.29
N TRP A 78 6.02 -14.05 12.53
CA TRP A 78 6.22 -13.27 11.32
C TRP A 78 6.06 -14.15 10.09
N LEU A 79 5.56 -13.56 9.01
CA LEU A 79 5.33 -14.29 7.76
C LEU A 79 6.45 -13.93 6.79
N ALA A 80 7.37 -14.87 6.57
CA ALA A 80 8.44 -14.69 5.60
C ALA A 80 7.96 -15.19 4.25
N ILE A 81 7.70 -14.26 3.34
CA ILE A 81 7.13 -14.59 2.03
C ILE A 81 8.27 -14.75 1.02
N ASN A 82 8.22 -15.82 0.25
CA ASN A 82 9.26 -16.11 -0.73
C ASN A 82 8.87 -15.54 -2.08
N PRO A 83 9.64 -14.59 -2.64
CA PRO A 83 9.33 -14.09 -3.99
C PRO A 83 9.59 -15.09 -5.10
N GLY A 84 10.17 -16.26 -4.77
CA GLY A 84 10.51 -17.26 -5.76
C GLY A 84 12.00 -17.38 -6.02
N THR A 85 12.79 -16.38 -5.62
CA THR A 85 14.23 -16.38 -5.84
C THR A 85 15.01 -16.38 -4.53
N ALA A 86 14.36 -16.64 -3.40
CA ALA A 86 15.04 -16.67 -2.12
C ALA A 86 15.64 -18.04 -1.87
N ALA A 87 16.86 -18.06 -1.31
CA ALA A 87 17.57 -19.28 -1.02
C ALA A 87 17.47 -19.60 0.47
N GLY A 88 18.05 -20.74 0.86
CA GLY A 88 18.05 -21.16 2.23
C GLY A 88 16.75 -21.80 2.65
N THR A 89 16.75 -22.32 3.88
CA THR A 89 15.58 -22.99 4.46
C THR A 89 15.30 -22.41 5.83
N LEU A 90 14.01 -22.15 6.10
CA LEU A 90 13.57 -21.58 7.36
C LEU A 90 12.74 -22.59 8.15
N PRO A 91 12.94 -22.66 9.47
CA PRO A 91 12.06 -23.48 10.31
C PRO A 91 10.81 -22.73 10.71
N GLY A 92 9.68 -23.42 10.66
CA GLY A 92 8.41 -22.80 11.03
C GLY A 92 7.25 -23.54 10.40
N GLU A 93 6.16 -22.80 10.17
CA GLU A 93 4.92 -23.35 9.64
C GLU A 93 4.80 -22.93 8.18
N LYS A 94 5.08 -23.86 7.27
CA LYS A 94 4.96 -23.57 5.84
C LYS A 94 3.50 -23.36 5.47
N THR A 95 3.24 -22.34 4.66
CA THR A 95 1.88 -21.98 4.28
C THR A 95 1.93 -21.18 2.98
N VAL A 96 0.81 -20.57 2.63
CA VAL A 96 0.68 -19.74 1.44
C VAL A 96 0.02 -18.43 1.85
N ASP A 97 0.50 -17.32 1.30
CA ASP A 97 -0.05 -16.02 1.66
C ASP A 97 -1.51 -15.94 1.21
N PRO A 98 -2.40 -15.40 2.05
CA PRO A 98 -3.83 -15.40 1.69
C PRO A 98 -4.16 -14.46 0.55
N ALA A 99 -3.50 -13.31 0.47
CA ALA A 99 -3.85 -12.33 -0.57
C ALA A 99 -3.49 -12.82 -1.96
N PHE A 100 -2.45 -13.64 -2.08
CA PHE A 100 -2.02 -14.14 -3.39
C PHE A 100 -1.82 -15.64 -3.35
N GLY A 101 -0.69 -16.11 -3.86
CA GLY A 101 -0.39 -17.53 -3.89
C GLY A 101 1.08 -17.83 -3.70
N LEU A 102 1.84 -16.85 -3.20
CA LEU A 102 3.27 -17.04 -3.01
C LEU A 102 3.54 -17.98 -1.84
N ASP A 103 4.68 -18.67 -1.92
CA ASP A 103 5.10 -19.54 -0.82
C ASP A 103 5.58 -18.70 0.35
N ALA A 104 5.10 -19.02 1.55
CA ALA A 104 5.46 -18.29 2.75
C ALA A 104 5.58 -19.26 3.91
N ILE A 105 6.05 -18.76 5.05
CA ILE A 105 6.23 -19.58 6.24
C ILE A 105 6.19 -18.66 7.46
N TRP A 106 5.51 -19.13 8.50
CA TRP A 106 5.44 -18.39 9.76
C TRP A 106 6.67 -18.71 10.60
N ILE A 107 7.45 -17.67 10.94
CA ILE A 107 8.69 -17.84 11.66
C ILE A 107 8.63 -17.01 12.94
N GLU A 108 9.52 -17.34 13.87
CA GLU A 108 9.64 -16.57 15.10
C GLU A 108 10.26 -15.21 14.81
N SER A 109 10.07 -14.28 15.75
CA SER A 109 10.58 -12.92 15.57
C SER A 109 12.10 -12.87 15.58
N ALA A 110 12.77 -13.85 16.17
CA ALA A 110 14.23 -13.86 16.17
C ALA A 110 14.80 -14.11 14.79
N LEU A 111 14.08 -14.84 13.95
CA LEU A 111 14.52 -15.14 12.59
C LEU A 111 14.02 -14.12 11.58
N LYS A 112 13.54 -12.96 12.03
CA LYS A 112 13.03 -11.95 11.12
C LYS A 112 14.14 -11.43 10.21
N GLU A 113 15.25 -10.95 10.80
CA GLU A 113 16.35 -10.43 9.98
C GLU A 113 17.06 -11.54 9.24
N GLN A 114 17.18 -12.73 9.84
CA GLN A 114 17.81 -13.86 9.17
C GLN A 114 17.06 -14.23 7.90
N ALA A 115 15.72 -14.14 7.94
CA ALA A 115 14.93 -14.41 6.74
C ALA A 115 15.17 -13.35 5.67
N GLN A 116 15.39 -12.10 6.08
CA GLN A 116 15.68 -11.05 5.12
C GLN A 116 17.06 -11.22 4.50
N ILE A 117 18.00 -11.83 5.22
CA ILE A 117 19.31 -12.11 4.66
C ILE A 117 19.20 -13.10 3.51
N GLN A 118 18.31 -14.08 3.63
CA GLN A 118 18.13 -15.10 2.62
C GLN A 118 17.17 -14.69 1.51
N GLY A 119 16.67 -13.46 1.54
CA GLY A 119 15.85 -12.94 0.47
C GLY A 119 14.35 -13.08 0.64
N PHE A 120 13.85 -13.11 1.87
CA PHE A 120 12.42 -13.24 2.13
C PHE A 120 11.82 -11.88 2.50
N THR A 121 10.58 -11.67 2.10
CA THR A 121 9.82 -10.48 2.47
C THR A 121 9.07 -10.81 3.76
N VAL A 122 9.58 -10.30 4.88
CA VAL A 122 9.05 -10.62 6.20
C VAL A 122 8.12 -9.50 6.65
N VAL A 123 6.87 -9.85 6.92
CA VAL A 123 5.87 -8.90 7.38
C VAL A 123 5.21 -9.46 8.64
N GLU A 124 4.74 -8.56 9.50
CA GLU A 124 4.09 -8.97 10.73
C GLU A 124 2.70 -9.54 10.45
N ALA A 125 2.06 -10.04 11.51
CA ALA A 125 0.78 -10.71 11.36
C ALA A 125 -0.32 -9.74 10.94
N SER A 126 -0.35 -8.55 11.54
CA SER A 126 -1.38 -7.57 11.18
C SER A 126 -1.24 -7.11 9.74
N THR A 127 -0.01 -7.12 9.20
CA THR A 127 0.18 -6.74 7.79
C THR A 127 -0.40 -7.79 6.86
N VAL A 128 -0.33 -9.08 7.23
CA VAL A 128 -0.85 -10.13 6.39
C VAL A 128 -2.34 -9.93 6.14
N VAL A 129 -3.09 -9.57 7.19
CA VAL A 129 -4.52 -9.34 7.03
C VAL A 129 -4.77 -8.01 6.33
N ALA A 130 -3.99 -6.99 6.67
CA ALA A 130 -4.16 -5.68 6.05
C ALA A 130 -3.91 -5.75 4.55
N THR A 131 -2.85 -6.45 4.14
CA THR A 131 -2.57 -6.60 2.72
C THR A 131 -3.68 -7.37 2.02
N HIS A 132 -4.24 -8.38 2.68
CA HIS A 132 -5.35 -9.13 2.09
C HIS A 132 -6.59 -8.26 1.98
N LEU A 133 -6.84 -7.40 2.98
CA LEU A 133 -8.00 -6.52 2.93
C LEU A 133 -7.81 -5.43 1.88
N ASN A 134 -6.60 -4.87 1.79
CA ASN A 134 -6.34 -3.83 0.80
C ASN A 134 -6.41 -4.39 -0.63
N HIS A 135 -5.98 -5.64 -0.82
CA HIS A 135 -6.08 -6.27 -2.14
C HIS A 135 -7.52 -6.56 -2.53
N LEU A 136 -8.41 -6.72 -1.56
CA LEU A 136 -9.81 -7.06 -1.84
C LEU A 136 -10.68 -5.83 -2.07
N ILE A 137 -10.52 -4.79 -1.23
CA ILE A 137 -11.32 -3.58 -1.41
C ILE A 137 -10.98 -2.86 -2.70
N GLY A 138 -9.78 -3.09 -3.25
CA GLY A 138 -9.46 -2.51 -4.54
C GLY A 138 -10.21 -3.18 -5.68
N GLN A 139 -10.40 -4.50 -5.57
CA GLN A 139 -11.15 -5.23 -6.60
C GLN A 139 -12.62 -4.85 -6.57
N PHE A 140 -13.17 -4.61 -5.37
CA PHE A 140 -14.58 -4.27 -5.21
C PHE A 140 -14.77 -2.78 -4.93
N SER A 141 -13.92 -1.92 -5.51
CA SER A 141 -14.04 -0.49 -5.27
C SER A 141 -15.35 0.06 -5.83
N ALA A 142 -15.88 -0.56 -6.88
CA ALA A 142 -17.15 -0.09 -7.45
C ALA A 142 -18.33 -0.49 -6.57
N GLU A 143 -18.30 -1.71 -6.01
CA GLU A 143 -19.38 -2.16 -5.15
C GLU A 143 -19.43 -1.40 -3.83
N LEU A 144 -18.31 -0.80 -3.41
CA LEU A 144 -18.29 -0.01 -2.19
C LEU A 144 -18.78 1.43 -2.40
N PHE A 145 -19.20 1.78 -3.61
CA PHE A 145 -19.65 3.12 -3.94
C PHE A 145 -21.16 3.08 -4.15
N GLY A 146 -21.90 3.18 -3.05
CA GLY A 146 -23.35 3.19 -3.08
C GLY A 146 -23.90 4.57 -3.31
N ARG A 147 -25.24 4.67 -3.19
CA ARG A 147 -25.90 5.95 -3.39
C ARG A 147 -25.52 6.95 -2.31
N GLN A 148 -25.36 6.48 -1.07
CA GLN A 148 -24.96 7.39 0.01
C GLN A 148 -23.52 7.85 -0.17
N GLU A 149 -22.64 6.97 -0.64
CA GLU A 149 -21.28 7.37 -0.96
C GLU A 149 -21.26 8.38 -2.12
N ALA A 150 -22.26 8.32 -3.00
CA ALA A 150 -22.37 9.31 -4.06
C ALA A 150 -23.06 10.58 -3.58
N GLN A 151 -23.98 10.47 -2.62
CA GLN A 151 -24.65 11.65 -2.09
C GLN A 151 -23.72 12.50 -1.24
N GLN A 152 -22.94 11.85 -0.36
CA GLN A 152 -21.96 12.59 0.43
C GLN A 152 -20.88 13.19 -0.45
N LEU A 153 -20.48 12.48 -1.50
CA LEU A 153 -19.52 13.02 -2.45
C LEU A 153 -20.10 14.19 -3.23
N LEU A 154 -21.41 14.16 -3.50
CA LEU A 154 -22.05 15.29 -4.16
C LEU A 154 -22.16 16.49 -3.22
N ASP A 155 -22.35 16.25 -1.92
CA ASP A 155 -22.37 17.35 -0.97
C ASP A 155 -20.98 17.92 -0.74
N ARG A 156 -19.94 17.09 -0.92
CA ARG A 156 -18.58 17.58 -0.80
C ARG A 156 -18.23 18.51 -1.96
N VAL A 157 -18.57 18.11 -3.18
CA VAL A 157 -18.31 18.96 -4.34
C VAL A 157 -19.27 20.13 -4.40
N SER A 158 -20.40 20.06 -3.68
CA SER A 158 -21.28 21.21 -3.59
C SER A 158 -20.65 22.34 -2.78
N GLN A 159 -19.82 22.00 -1.80
CA GLN A 159 -19.13 23.02 -1.01
C GLN A 159 -17.94 23.60 -1.77
N GLU A 160 -17.37 22.84 -2.71
CA GLU A 160 -16.22 23.30 -3.47
C GLU A 160 -16.56 23.76 -4.88
N MET A 161 -17.68 23.30 -5.44
CA MET A 161 -18.13 23.70 -6.78
C MET A 161 -19.61 24.03 -6.73
N PRO A 162 -19.98 25.17 -6.13
CA PRO A 162 -21.41 25.52 -6.07
C PRO A 162 -21.96 25.98 -7.40
N LYS A 163 -21.14 26.61 -8.25
CA LYS A 163 -21.63 27.08 -9.55
C LYS A 163 -21.87 25.93 -10.52
N LEU A 164 -21.11 24.85 -10.39
CA LEU A 164 -21.30 23.67 -11.23
C LEU A 164 -22.39 22.74 -10.71
N THR A 165 -22.46 22.54 -9.39
CA THR A 165 -23.43 21.63 -8.82
C THR A 165 -24.85 22.20 -8.81
N GLU A 166 -24.99 23.52 -8.86
CA GLU A 166 -26.32 24.14 -8.79
C GLU A 166 -27.19 23.72 -9.97
N ASP A 167 -26.72 23.95 -11.19
CA ASP A 167 -27.48 23.65 -12.38
C ASP A 167 -27.36 22.21 -12.84
N LEU A 168 -26.38 21.46 -12.33
CA LEU A 168 -26.16 20.09 -12.80
C LEU A 168 -27.15 19.12 -12.19
N VAL A 169 -27.26 19.09 -10.87
CA VAL A 169 -28.16 18.16 -10.19
C VAL A 169 -29.29 18.94 -9.51
N PRO A 170 -30.51 18.40 -9.48
CA PRO A 170 -30.89 17.16 -10.14
C PRO A 170 -31.53 17.39 -11.51
N GLY A 171 -31.40 18.61 -12.03
CA GLY A 171 -32.01 18.97 -13.29
C GLY A 171 -31.38 18.30 -14.50
N VAL A 172 -30.11 18.59 -14.74
CA VAL A 172 -29.43 18.02 -15.91
C VAL A 172 -29.15 16.54 -15.69
N VAL A 173 -28.48 16.19 -14.60
CA VAL A 173 -28.14 14.82 -14.27
C VAL A 173 -28.77 14.48 -12.93
N THR A 174 -29.49 13.36 -12.89
CA THR A 174 -30.04 12.87 -11.63
C THR A 174 -28.94 12.17 -10.82
N LEU A 175 -29.20 12.03 -9.53
CA LEU A 175 -28.23 11.34 -8.66
C LEU A 175 -28.08 9.88 -9.05
N THR A 176 -29.16 9.26 -9.56
CA THR A 176 -29.07 7.89 -10.04
C THR A 176 -28.14 7.78 -11.25
N THR A 177 -28.27 8.71 -12.19
CA THR A 177 -27.38 8.72 -13.36
C THR A 177 -25.96 9.10 -12.95
N LEU A 178 -25.82 10.08 -12.06
CA LEU A 178 -24.49 10.48 -11.59
C LEU A 178 -23.80 9.32 -10.88
N HIS A 179 -24.54 8.58 -10.05
CA HIS A 179 -23.96 7.43 -9.36
C HIS A 179 -23.64 6.30 -10.34
N LYS A 180 -24.46 6.14 -11.40
CA LYS A 180 -24.20 5.08 -12.37
C LYS A 180 -22.94 5.35 -13.16
N VAL A 181 -22.68 6.61 -13.50
CA VAL A 181 -21.48 6.95 -14.28
C VAL A 181 -20.23 6.77 -13.43
N LEU A 182 -20.22 7.34 -12.22
CA LEU A 182 -19.05 7.26 -11.37
C LEU A 182 -18.71 5.82 -11.00
N GLN A 183 -19.72 4.97 -10.83
CA GLN A 183 -19.45 3.57 -10.53
C GLN A 183 -18.85 2.85 -11.72
N ASN A 184 -19.22 3.24 -12.94
CA ASN A 184 -18.62 2.63 -14.12
C ASN A 184 -17.13 2.96 -14.23
N LEU A 185 -16.73 4.14 -13.78
CA LEU A 185 -15.31 4.48 -13.73
C LEU A 185 -14.58 3.62 -12.70
N LEU A 186 -15.16 3.47 -11.51
CA LEU A 186 -14.54 2.67 -10.47
C LEU A 186 -14.48 1.20 -10.84
N ALA A 187 -15.41 0.73 -11.66
CA ALA A 187 -15.44 -0.68 -12.05
C ALA A 187 -14.26 -1.07 -12.92
N GLU A 188 -13.59 -0.10 -13.54
CA GLU A 188 -12.47 -0.37 -14.44
C GLU A 188 -11.20 0.35 -13.99
N LYS A 189 -11.09 0.64 -12.69
CA LYS A 189 -9.86 1.11 -12.06
C LYS A 189 -9.40 2.45 -12.63
N VAL A 190 -10.30 3.43 -12.57
CA VAL A 190 -9.98 4.82 -12.88
C VAL A 190 -10.60 5.69 -11.78
N PRO A 191 -9.81 6.45 -11.04
CA PRO A 191 -10.36 7.18 -9.89
C PRO A 191 -11.28 8.30 -10.32
N ILE A 192 -12.01 8.83 -9.34
CA ILE A 192 -12.92 9.96 -9.55
C ILE A 192 -12.45 11.14 -8.72
N ARG A 193 -11.13 11.31 -8.60
CA ARG A 193 -10.58 12.43 -7.85
C ARG A 193 -10.86 13.75 -8.55
N ASP A 194 -10.64 13.81 -9.86
CA ASP A 194 -10.82 15.04 -10.63
C ASP A 194 -12.31 15.26 -10.85
N MET A 195 -12.98 15.73 -9.80
CA MET A 195 -14.39 16.10 -9.92
C MET A 195 -14.59 17.40 -10.68
N ARG A 196 -13.52 18.16 -10.92
CA ARG A 196 -13.62 19.33 -11.78
C ARG A 196 -14.02 18.93 -13.19
N THR A 197 -13.35 17.93 -13.75
CA THR A 197 -13.57 17.54 -15.14
C THR A 197 -14.83 16.68 -15.29
N ILE A 198 -15.10 15.81 -14.32
CA ILE A 198 -16.24 14.91 -14.44
C ILE A 198 -17.54 15.67 -14.50
N LEU A 199 -17.77 16.58 -13.54
CA LEU A 199 -18.98 17.38 -13.54
C LEU A 199 -19.01 18.37 -14.70
N GLU A 200 -17.84 18.85 -15.13
CA GLU A 200 -17.79 19.77 -16.26
C GLU A 200 -18.15 19.08 -17.56
N THR A 201 -17.66 17.85 -17.75
CA THR A 201 -18.00 17.09 -18.96
C THR A 201 -19.48 16.75 -18.99
N LEU A 202 -20.06 16.39 -17.84
CA LEU A 202 -21.49 16.11 -17.78
C LEU A 202 -22.31 17.35 -18.10
N ALA A 203 -21.86 18.52 -17.66
CA ALA A 203 -22.57 19.75 -17.98
C ALA A 203 -22.53 20.08 -19.47
N GLU A 204 -21.68 19.41 -20.24
CA GLU A 204 -21.56 19.65 -21.68
C GLU A 204 -22.36 18.67 -22.53
N HIS A 205 -22.42 17.39 -22.13
CA HIS A 205 -23.00 16.35 -22.96
C HIS A 205 -24.31 15.79 -22.43
N ALA A 206 -24.55 15.85 -21.13
CA ALA A 206 -25.79 15.29 -20.59
C ALA A 206 -27.06 16.00 -21.09
N PRO A 207 -27.08 17.31 -21.31
CA PRO A 207 -28.28 17.92 -21.94
C PRO A 207 -28.60 17.33 -23.31
N LEU A 208 -27.64 16.69 -23.97
CA LEU A 208 -27.87 16.05 -25.27
C LEU A 208 -27.69 14.55 -25.21
N GLN A 209 -27.49 13.97 -24.03
CA GLN A 209 -27.28 12.53 -23.90
C GLN A 209 -27.83 12.06 -22.56
N SER A 210 -28.71 11.07 -22.61
CA SER A 210 -29.33 10.53 -21.40
C SER A 210 -28.82 9.14 -21.02
N ASP A 211 -28.15 8.44 -21.92
CA ASP A 211 -27.64 7.11 -21.62
C ASP A 211 -26.44 7.21 -20.68
N PRO A 212 -26.50 6.62 -19.49
CA PRO A 212 -25.34 6.70 -18.58
C PRO A 212 -24.09 6.03 -19.14
N HIS A 213 -24.25 4.97 -19.93
CA HIS A 213 -23.08 4.33 -20.53
C HIS A 213 -22.44 5.19 -21.60
N GLU A 214 -23.25 5.96 -22.34
CA GLU A 214 -22.69 6.92 -23.29
C GLU A 214 -22.02 8.08 -22.57
N LEU A 215 -22.60 8.50 -21.44
CA LEU A 215 -21.96 9.54 -20.63
C LEU A 215 -20.65 9.05 -20.02
N THR A 216 -20.58 7.76 -19.68
CA THR A 216 -19.35 7.21 -19.12
C THR A 216 -18.21 7.27 -20.13
N ALA A 217 -18.50 6.93 -21.39
CA ALA A 217 -17.46 6.96 -22.42
C ALA A 217 -16.98 8.38 -22.69
N VAL A 218 -17.88 9.36 -22.60
CA VAL A 218 -17.49 10.74 -22.86
C VAL A 218 -16.71 11.31 -21.68
N VAL A 219 -17.13 10.99 -20.45
CA VAL A 219 -16.37 11.41 -19.28
C VAL A 219 -15.01 10.74 -19.26
N ARG A 220 -14.92 9.50 -19.76
CA ARG A 220 -13.65 8.78 -19.69
C ARG A 220 -12.61 9.38 -20.64
N VAL A 221 -13.04 9.84 -21.82
CA VAL A 221 -12.08 10.43 -22.74
C VAL A 221 -11.67 11.82 -22.28
N ALA A 222 -12.47 12.47 -21.45
CA ALA A 222 -12.06 13.74 -20.86
C ALA A 222 -10.98 13.53 -19.81
N LEU A 223 -11.03 12.41 -19.09
CA LEU A 223 -9.99 12.01 -18.16
C LEU A 223 -8.89 11.19 -18.83
N GLY A 224 -8.65 11.42 -20.11
CA GLY A 224 -7.77 10.54 -20.86
C GLY A 224 -6.32 10.60 -20.39
N ARG A 225 -5.82 11.82 -20.18
CA ARG A 225 -4.44 11.96 -19.74
C ARG A 225 -4.23 11.41 -18.34
N ALA A 226 -5.26 11.45 -17.49
CA ALA A 226 -5.13 10.88 -16.15
C ALA A 226 -5.07 9.35 -16.21
N ILE A 227 -5.87 8.75 -17.10
CA ILE A 227 -5.83 7.29 -17.26
C ILE A 227 -4.52 6.86 -17.89
N THR A 228 -3.95 7.69 -18.77
CA THR A 228 -2.67 7.35 -19.40
C THR A 228 -1.55 7.35 -18.38
N GLN A 229 -1.60 8.25 -17.40
CA GLN A 229 -0.51 8.36 -16.43
C GLN A 229 -0.56 7.28 -15.36
N GLN A 230 -1.76 6.81 -14.99
CA GLN A 230 -1.84 5.78 -13.96
C GLN A 230 -1.31 4.44 -14.46
N TRP A 231 -1.23 4.23 -15.77
CA TRP A 231 -0.62 3.04 -16.34
C TRP A 231 0.70 3.30 -17.04
N PHE A 232 0.99 4.55 -17.38
CA PHE A 232 2.25 4.93 -18.04
C PHE A 232 2.71 6.26 -17.47
N PRO A 233 3.41 6.23 -16.33
CA PRO A 233 3.87 7.48 -15.72
C PRO A 233 4.97 8.15 -16.54
N GLY A 234 5.03 9.47 -16.43
CA GLY A 234 6.05 10.23 -17.13
C GLY A 234 5.83 10.19 -18.63
N ASN A 235 6.93 10.07 -19.38
CA ASN A 235 6.85 9.92 -20.83
C ASN A 235 7.56 8.63 -21.24
N GLU A 236 7.17 7.52 -20.63
CA GLU A 236 7.78 6.23 -20.91
C GLU A 236 7.28 5.67 -22.24
N GLU A 237 7.72 4.46 -22.56
CA GLU A 237 7.31 3.78 -23.78
C GLU A 237 5.98 3.08 -23.52
N VAL A 238 4.91 3.58 -24.14
CA VAL A 238 3.59 2.97 -24.03
C VAL A 238 3.65 1.57 -24.64
N GLN A 239 3.53 0.55 -23.79
CA GLN A 239 3.60 -0.85 -24.21
C GLN A 239 2.25 -1.50 -23.94
N VAL A 240 1.42 -1.59 -24.98
CA VAL A 240 0.07 -2.11 -24.85
C VAL A 240 -0.06 -3.36 -25.74
N ILE A 241 -1.21 -4.02 -25.61
CA ILE A 241 -1.61 -5.10 -26.51
C ILE A 241 -2.55 -4.52 -27.55
N GLY A 242 -2.47 -5.05 -28.76
CA GLY A 242 -3.35 -4.61 -29.83
C GLY A 242 -4.02 -5.79 -30.49
N LEU A 243 -5.19 -5.53 -31.07
CA LEU A 243 -5.90 -6.53 -31.86
C LEU A 243 -5.40 -6.50 -33.30
N ASP A 244 -5.47 -7.65 -33.95
CA ASP A 244 -5.13 -7.71 -35.37
C ASP A 244 -6.09 -6.84 -36.17
N THR A 245 -5.56 -6.15 -37.17
CA THR A 245 -6.40 -5.30 -38.02
C THR A 245 -7.50 -6.10 -38.68
N ALA A 246 -7.28 -7.39 -38.93
CA ALA A 246 -8.37 -8.25 -39.36
C ALA A 246 -9.40 -8.41 -38.25
N LEU A 247 -8.96 -8.82 -37.06
CA LEU A 247 -9.87 -9.11 -35.95
C LEU A 247 -10.77 -7.92 -35.60
N GLU A 248 -10.25 -6.70 -35.76
CA GLU A 248 -11.09 -5.53 -35.54
C GLU A 248 -12.28 -5.51 -36.50
N ARG A 249 -12.06 -5.92 -37.75
CA ARG A 249 -13.14 -6.03 -38.71
C ARG A 249 -14.01 -7.27 -38.50
N LEU A 250 -13.73 -8.08 -37.48
CA LEU A 250 -14.63 -9.15 -37.06
C LEU A 250 -15.48 -8.73 -35.87
N LEU A 251 -14.85 -8.12 -34.87
CA LEU A 251 -15.58 -7.71 -33.67
C LEU A 251 -16.46 -6.48 -33.94
N LEU A 252 -15.99 -5.55 -34.77
CA LEU A 252 -16.83 -4.43 -35.18
C LEU A 252 -18.10 -4.91 -35.86
N GLN A 253 -17.99 -5.98 -36.63
CA GLN A 253 -19.16 -6.48 -37.37
C GLN A 253 -20.12 -7.21 -36.45
N ALA A 254 -19.60 -7.99 -35.50
CA ALA A 254 -20.44 -8.60 -34.49
C ALA A 254 -21.14 -7.53 -33.65
N LEU A 255 -20.42 -6.46 -33.31
CA LEU A 255 -21.01 -5.31 -32.62
C LEU A 255 -22.21 -4.78 -33.39
N GLN A 256 -22.04 -4.56 -34.70
CA GLN A 256 -23.10 -4.02 -35.54
C GLN A 256 -24.27 -4.99 -35.67
N GLY A 264 -20.78 -17.48 -29.69
CA GLY A 264 -20.14 -18.32 -30.68
C GLY A 264 -18.73 -18.69 -30.31
N LEU A 265 -17.79 -18.32 -31.18
CA LEU A 265 -16.37 -18.55 -30.91
C LEU A 265 -15.76 -17.48 -30.00
N ALA A 266 -16.50 -17.08 -28.97
CA ALA A 266 -15.96 -16.16 -27.97
C ALA A 266 -14.89 -16.83 -27.13
N ASP A 267 -14.96 -18.15 -26.97
CA ASP A 267 -13.92 -18.88 -26.26
C ASP A 267 -12.58 -18.76 -26.96
N ARG A 268 -12.58 -18.68 -28.29
CA ARG A 268 -11.34 -18.44 -29.03
C ARG A 268 -10.73 -17.10 -28.67
N LEU A 269 -11.56 -16.07 -28.51
CA LEU A 269 -11.06 -14.76 -28.12
C LEU A 269 -10.46 -14.81 -26.72
N LEU A 270 -11.13 -15.51 -25.80
CA LEU A 270 -10.65 -15.60 -24.42
C LEU A 270 -9.26 -16.24 -24.36
N ALA A 271 -9.06 -17.29 -25.14
CA ALA A 271 -7.79 -18.01 -25.10
C ALA A 271 -6.62 -17.13 -25.55
N GLN A 272 -6.78 -16.45 -26.68
CA GLN A 272 -5.69 -15.62 -27.21
C GLN A 272 -5.44 -14.42 -26.32
N THR A 273 -6.48 -13.87 -25.70
CA THR A 273 -6.29 -12.73 -24.81
C THR A 273 -5.47 -13.11 -23.59
N GLN A 274 -5.66 -14.33 -23.09
CA GLN A 274 -4.90 -14.78 -21.92
C GLN A 274 -3.43 -14.97 -22.27
N GLU A 275 -3.15 -15.50 -23.47
CA GLU A 275 -1.75 -15.59 -23.91
C GLU A 275 -1.10 -14.22 -23.94
N ALA A 276 -1.80 -13.24 -24.51
CA ALA A 276 -1.24 -11.90 -24.65
C ALA A 276 -0.89 -11.30 -23.30
N LEU A 277 -1.69 -11.59 -22.27
CA LEU A 277 -1.37 -11.11 -20.93
C LEU A 277 -0.12 -11.78 -20.38
N SER A 278 0.12 -13.05 -20.76
CA SER A 278 1.28 -13.76 -20.25
C SER A 278 2.58 -13.17 -20.81
N ARG A 279 2.59 -12.80 -22.08
CA ARG A 279 3.77 -12.20 -22.68
C ARG A 279 3.91 -10.71 -22.37
N GLN A 280 2.92 -10.12 -21.68
CA GLN A 280 3.13 -8.77 -21.15
C GLN A 280 3.97 -8.79 -19.88
N GLU A 281 3.95 -9.91 -19.15
CA GLU A 281 4.78 -10.04 -17.96
C GLU A 281 6.26 -9.95 -18.32
N MET A 282 6.64 -10.44 -19.49
CA MET A 282 7.99 -10.20 -20.00
C MET A 282 8.15 -8.73 -20.37
N LEU A 283 9.35 -8.20 -20.16
CA LEU A 283 9.74 -6.80 -20.38
C LEU A 283 9.00 -5.84 -19.43
N GLY A 284 8.08 -6.33 -18.61
CA GLY A 284 7.39 -5.47 -17.67
C GLY A 284 6.46 -4.45 -18.31
N ALA A 285 5.36 -4.92 -18.88
CA ALA A 285 4.36 -4.05 -19.49
C ALA A 285 3.01 -4.24 -18.82
N PRO A 286 2.23 -3.16 -18.68
CA PRO A 286 0.96 -3.28 -17.98
C PRO A 286 -0.03 -4.13 -18.77
N PRO A 287 -0.99 -4.77 -18.08
CA PRO A 287 -2.02 -5.57 -18.78
C PRO A 287 -3.09 -4.68 -19.40
N VAL A 288 -2.67 -3.81 -20.31
CA VAL A 288 -3.56 -2.83 -20.94
C VAL A 288 -3.88 -3.29 -22.35
N LEU A 289 -5.16 -3.16 -22.73
CA LEU A 289 -5.64 -3.56 -24.05
C LEU A 289 -6.12 -2.30 -24.77
N LEU A 290 -5.30 -1.83 -25.71
CA LEU A 290 -5.67 -0.70 -26.55
C LEU A 290 -6.46 -1.21 -27.76
N VAL A 291 -7.61 -0.58 -28.01
CA VAL A 291 -8.53 -1.04 -29.03
C VAL A 291 -9.30 0.19 -29.55
N ASN A 292 -9.99 0.01 -30.68
CA ASN A 292 -10.79 1.07 -31.26
C ASN A 292 -11.87 1.53 -30.28
N HIS A 293 -12.27 2.80 -30.42
CA HIS A 293 -13.26 3.39 -29.53
C HIS A 293 -14.60 2.68 -29.59
N ALA A 294 -14.91 2.00 -30.71
CA ALA A 294 -16.19 1.32 -30.83
C ALA A 294 -16.18 -0.03 -30.12
N LEU A 295 -15.07 -0.76 -30.20
CA LEU A 295 -14.98 -2.06 -29.52
C LEU A 295 -14.71 -1.91 -28.03
N ARG A 296 -14.20 -0.76 -27.59
CA ARG A 296 -13.71 -0.63 -26.22
C ARG A 296 -14.75 -0.98 -25.16
N PRO A 297 -15.98 -0.45 -25.18
CA PRO A 297 -16.91 -0.79 -24.10
C PRO A 297 -17.43 -2.22 -24.18
N LEU A 298 -17.48 -2.82 -25.36
CA LEU A 298 -18.04 -4.16 -25.48
C LEU A 298 -17.09 -5.22 -24.94
N LEU A 299 -15.87 -5.25 -25.47
CA LEU A 299 -14.92 -6.26 -25.01
C LEU A 299 -14.34 -5.95 -23.64
N SER A 300 -14.62 -4.77 -23.08
CA SER A 300 -14.21 -4.51 -21.70
C SER A 300 -15.13 -5.24 -20.72
N ARG A 301 -16.43 -5.14 -20.91
CA ARG A 301 -17.38 -5.85 -20.06
C ARG A 301 -17.43 -7.34 -20.37
N PHE A 302 -16.69 -7.81 -21.38
CA PHE A 302 -16.64 -9.22 -21.73
C PHE A 302 -15.34 -9.88 -21.27
N LEU A 303 -14.19 -9.29 -21.59
CA LEU A 303 -12.91 -9.88 -21.20
C LEU A 303 -12.68 -9.77 -19.70
N ARG A 304 -13.06 -8.65 -19.09
CA ARG A 304 -12.78 -8.42 -17.68
C ARG A 304 -13.68 -9.22 -16.76
N ARG A 305 -14.66 -9.97 -17.28
CA ARG A 305 -15.44 -10.87 -16.45
C ARG A 305 -14.59 -12.02 -15.94
N SER A 306 -13.85 -12.67 -16.83
CA SER A 306 -12.94 -13.74 -16.47
C SER A 306 -11.50 -13.29 -16.32
N LEU A 307 -11.17 -12.09 -16.80
CA LEU A 307 -9.82 -11.52 -16.67
C LEU A 307 -9.94 -10.13 -16.04
N PRO A 308 -10.20 -10.06 -14.74
CA PRO A 308 -10.36 -8.75 -14.10
C PRO A 308 -9.11 -7.89 -14.12
N GLN A 309 -7.92 -8.51 -14.17
CA GLN A 309 -6.68 -7.74 -14.21
C GLN A 309 -6.46 -7.05 -15.55
N LEU A 310 -7.19 -7.42 -16.59
CA LEU A 310 -7.04 -6.79 -17.88
C LEU A 310 -7.71 -5.42 -17.89
N VAL A 311 -7.03 -4.44 -18.47
CA VAL A 311 -7.52 -3.07 -18.59
C VAL A 311 -7.71 -2.77 -20.07
N VAL A 312 -8.90 -2.31 -20.43
CA VAL A 312 -9.23 -2.01 -21.82
C VAL A 312 -9.22 -0.49 -22.01
N LEU A 313 -8.48 -0.04 -23.02
CA LEU A 313 -8.34 1.39 -23.32
C LEU A 313 -8.91 1.67 -24.71
N SER A 314 -8.99 2.96 -25.02
CA SER A 314 -9.48 3.44 -26.31
C SER A 314 -8.45 4.37 -26.93
N ASN A 315 -8.51 4.50 -28.25
CA ASN A 315 -7.59 5.41 -28.93
C ASN A 315 -7.88 6.86 -28.58
N LEU A 316 -9.14 7.19 -28.28
CA LEU A 316 -9.52 8.56 -28.01
C LEU A 316 -9.11 9.02 -26.62
N GLU A 317 -8.88 8.09 -25.69
CA GLU A 317 -8.47 8.45 -24.34
C GLU A 317 -6.97 8.33 -24.11
N LEU A 318 -6.28 7.50 -24.88
CA LEU A 318 -4.83 7.46 -24.79
C LEU A 318 -4.22 8.72 -25.41
N SER A 319 -3.28 9.32 -24.71
CA SER A 319 -2.69 10.58 -25.17
C SER A 319 -1.96 10.38 -26.49
N ASP A 320 -2.19 11.31 -27.42
CA ASP A 320 -1.58 11.20 -28.75
C ASP A 320 -0.08 11.50 -28.69
N ASN A 321 0.30 12.59 -28.02
CA ASN A 321 1.69 13.02 -27.96
C ASN A 321 2.45 12.20 -26.92
N ARG A 322 2.73 10.96 -27.29
CA ARG A 322 3.44 10.04 -26.40
C ARG A 322 4.02 8.90 -27.21
N HIS A 323 5.09 8.30 -26.69
CA HIS A 323 5.75 7.19 -27.36
C HIS A 323 4.92 5.91 -27.23
N ILE A 324 4.11 5.62 -28.23
CA ILE A 324 3.22 4.46 -28.22
C ILE A 324 3.85 3.33 -29.03
N ARG A 325 3.62 2.10 -28.60
CA ARG A 325 4.17 0.93 -29.28
C ARG A 325 3.42 -0.30 -28.84
N MET A 326 2.96 -1.10 -29.79
CA MET A 326 2.28 -2.35 -29.50
C MET A 326 3.27 -3.42 -29.09
N THR A 327 2.87 -4.27 -28.15
CA THR A 327 3.72 -5.34 -27.65
C THR A 327 3.21 -6.73 -28.01
N ALA A 328 1.97 -7.05 -27.67
CA ALA A 328 1.36 -8.32 -28.00
C ALA A 328 0.38 -8.16 -29.16
N THR A 329 -0.23 -9.27 -29.55
CA THR A 329 -1.16 -9.27 -30.68
C THR A 329 -2.17 -10.39 -30.50
N ILE A 330 -3.45 -10.05 -30.62
CA ILE A 330 -4.53 -11.02 -30.55
C ILE A 330 -5.00 -11.23 -31.99
N GLY A 331 -4.42 -12.23 -32.65
CA GLY A 331 -4.78 -12.56 -34.02
C GLY A 331 -3.73 -13.40 -34.72
N GLY B 6 2.64 -8.01 -6.02
CA GLY B 6 2.50 -9.09 -5.06
C GLY B 6 3.47 -8.99 -3.90
N ILE B 7 4.75 -9.20 -4.18
CA ILE B 7 5.77 -9.08 -3.14
C ILE B 7 5.88 -7.64 -2.66
N LYS B 8 5.87 -6.68 -3.58
CA LYS B 8 5.92 -5.27 -3.20
C LYS B 8 4.65 -4.82 -2.49
N ALA B 9 3.55 -5.55 -2.64
CA ALA B 9 2.31 -5.19 -1.95
C ALA B 9 2.45 -5.37 -0.44
N TYR B 10 2.98 -6.53 -0.01
CA TYR B 10 3.20 -6.75 1.41
C TYR B 10 4.23 -5.79 1.98
N ALA B 11 5.28 -5.50 1.22
CA ALA B 11 6.31 -4.58 1.70
C ALA B 11 5.79 -3.15 1.78
N GLN B 12 4.90 -2.76 0.86
CA GLN B 12 4.36 -1.40 0.90
C GLN B 12 3.35 -1.24 2.03
N VAL B 13 2.48 -2.22 2.23
CA VAL B 13 1.49 -2.13 3.30
C VAL B 13 2.16 -2.23 4.67
N SER B 14 3.25 -3.00 4.77
CA SER B 14 3.92 -3.16 6.05
C SER B 14 4.45 -1.85 6.60
N VAL B 15 4.77 -0.90 5.73
CA VAL B 15 5.32 0.39 6.13
C VAL B 15 4.28 1.49 6.07
N GLU B 16 3.53 1.58 4.96
CA GLU B 16 2.57 2.67 4.79
C GLU B 16 1.42 2.57 5.79
N SER B 17 0.85 1.38 5.94
CA SER B 17 -0.28 1.21 6.86
C SER B 17 0.12 1.44 8.31
N ALA B 18 1.42 1.35 8.61
CA ALA B 18 1.89 1.61 9.96
C ALA B 18 2.31 3.06 10.18
N VAL B 19 2.73 3.75 9.12
CA VAL B 19 3.16 5.14 9.26
C VAL B 19 1.96 6.07 9.27
N MET B 20 0.93 5.78 8.46
CA MET B 20 -0.22 6.66 8.37
C MET B 20 -1.03 6.71 9.66
N SER B 21 -1.02 5.62 10.43
CA SER B 21 -1.75 5.56 11.69
C SER B 21 -0.84 5.71 12.90
N ALA B 22 0.39 6.17 12.70
CA ALA B 22 1.36 6.28 13.78
C ALA B 22 1.27 7.66 14.43
N SER B 23 1.26 7.67 15.76
CA SER B 23 1.34 8.92 16.50
C SER B 23 2.77 9.46 16.42
N PRO B 24 3.00 10.71 16.83
CA PRO B 24 4.39 11.20 16.90
C PRO B 24 5.31 10.31 17.71
N HIS B 25 4.78 9.64 18.74
CA HIS B 25 5.60 8.69 19.50
C HIS B 25 5.83 7.40 18.72
N GLN B 26 4.82 6.94 17.99
CA GLN B 26 4.95 5.69 17.24
C GLN B 26 5.86 5.85 16.02
N LEU B 27 5.94 7.06 15.46
CA LEU B 27 6.87 7.30 14.36
C LEU B 27 8.31 7.10 14.80
N ILE B 28 8.63 7.43 16.06
CA ILE B 28 9.98 7.21 16.56
C ILE B 28 10.22 5.73 16.84
N GLU B 29 9.18 5.01 17.28
CA GLU B 29 9.34 3.58 17.51
C GLU B 29 9.70 2.84 16.23
N MET B 30 9.10 3.24 15.10
CA MET B 30 9.41 2.59 13.83
C MET B 30 10.84 2.89 13.39
N LEU B 31 11.37 4.05 13.77
CA LEU B 31 12.76 4.37 13.43
C LEU B 31 13.73 3.52 14.25
N PHE B 32 13.41 3.29 15.52
CA PHE B 32 14.24 2.40 16.34
C PHE B 32 14.17 0.97 15.83
N ASP B 33 12.98 0.49 15.52
CA ASP B 33 12.83 -0.88 15.01
C ASP B 33 13.45 -1.00 13.62
N GLY B 34 13.32 0.04 12.79
CA GLY B 34 13.90 -0.01 11.46
C GLY B 34 15.42 0.02 11.49
N ALA B 35 15.99 0.82 12.40
CA ALA B 35 17.45 0.87 12.52
C ALA B 35 18.00 -0.40 13.16
N ASN B 36 17.24 -1.04 14.04
CA ASN B 36 17.71 -2.26 14.67
C ASN B 36 17.81 -3.40 13.66
N SER B 37 16.80 -3.55 12.81
CA SER B 37 16.84 -4.62 11.80
C SER B 37 17.96 -4.41 10.80
N ALA B 38 18.28 -3.15 10.49
CA ALA B 38 19.40 -2.89 9.58
C ALA B 38 20.73 -3.23 10.21
N LEU B 39 20.87 -3.02 11.52
CA LEU B 39 22.12 -3.38 12.20
C LEU B 39 22.29 -4.89 12.28
N VAL B 40 21.20 -5.62 12.53
CA VAL B 40 21.29 -7.07 12.54
C VAL B 40 21.56 -7.60 11.14
N ARG B 41 20.96 -6.98 10.12
CA ARG B 41 21.24 -7.37 8.74
C ARG B 41 22.70 -7.12 8.39
N ALA B 42 23.21 -5.95 8.74
CA ALA B 42 24.62 -5.66 8.48
C ALA B 42 25.54 -6.58 9.26
N ARG B 43 25.12 -7.00 10.44
CA ARG B 43 25.92 -7.95 11.22
C ARG B 43 25.91 -9.33 10.58
N LEU B 44 24.73 -9.81 10.17
CA LEU B 44 24.65 -11.12 9.53
C LEU B 44 25.31 -11.13 8.17
N PHE B 45 25.21 -10.02 7.43
CA PHE B 45 25.89 -9.93 6.15
C PHE B 45 27.40 -9.98 6.32
N LEU B 46 27.92 -9.30 7.35
CA LEU B 46 29.35 -9.31 7.59
C LEU B 46 29.83 -10.69 8.06
N GLU B 47 28.98 -11.41 8.78
CA GLU B 47 29.35 -12.76 9.22
C GLU B 47 29.40 -13.75 8.06
N GLN B 48 28.73 -13.45 6.95
CA GLN B 48 28.74 -14.34 5.79
C GLN B 48 29.80 -13.96 4.76
N GLY B 49 30.23 -12.70 4.74
CA GLY B 49 31.21 -12.22 3.79
C GLY B 49 30.67 -11.22 2.79
N ASP B 50 29.36 -11.03 2.72
CA ASP B 50 28.79 -10.06 1.80
C ASP B 50 29.07 -8.63 2.26
N VAL B 51 30.22 -8.09 1.87
CA VAL B 51 30.58 -6.73 2.27
C VAL B 51 29.68 -5.71 1.56
N VAL B 52 29.29 -6.01 0.32
CA VAL B 52 28.42 -5.10 -0.42
C VAL B 52 27.08 -4.94 0.28
N ALA B 53 26.43 -6.06 0.61
CA ALA B 53 25.16 -6.00 1.32
C ALA B 53 25.33 -5.43 2.72
N LYS B 54 26.48 -5.70 3.36
CA LYS B 54 26.76 -5.10 4.66
C LYS B 54 26.79 -3.58 4.57
N GLY B 55 27.48 -3.05 3.55
CA GLY B 55 27.53 -1.61 3.39
C GLY B 55 26.18 -1.00 3.09
N GLU B 56 25.35 -1.71 2.34
CA GLU B 56 23.99 -1.23 2.08
C GLU B 56 23.17 -1.18 3.35
N ALA B 57 23.30 -2.20 4.21
CA ALA B 57 22.51 -2.23 5.44
C ALA B 57 22.99 -1.19 6.44
N LEU B 58 24.30 -0.95 6.52
CA LEU B 58 24.81 0.07 7.42
C LEU B 58 24.43 1.46 6.95
N SER B 59 24.41 1.69 5.63
CA SER B 59 24.01 2.99 5.11
C SER B 59 22.56 3.31 5.46
N LYS B 60 21.70 2.28 5.47
CA LYS B 60 20.32 2.50 5.87
C LYS B 60 20.22 2.78 7.36
N ALA B 61 21.04 2.11 8.17
CA ALA B 61 21.02 2.36 9.61
C ALA B 61 21.55 3.74 9.95
N ILE B 62 22.61 4.18 9.26
CA ILE B 62 23.13 5.53 9.47
C ILE B 62 22.12 6.57 9.00
N ASN B 63 21.41 6.29 7.91
CA ASN B 63 20.42 7.23 7.40
C ASN B 63 19.24 7.38 8.36
N ILE B 64 18.86 6.30 9.04
CA ILE B 64 17.75 6.36 9.99
C ILE B 64 18.16 7.12 11.25
N ILE B 65 19.38 6.89 11.71
CA ILE B 65 19.84 7.55 12.94
C ILE B 65 20.08 9.03 12.71
N ASP B 66 20.70 9.38 11.57
CA ASP B 66 21.05 10.77 11.32
C ASP B 66 19.85 11.57 10.83
N ASN B 67 19.24 11.14 9.72
CA ASN B 67 18.15 11.87 9.09
C ASN B 67 16.79 11.53 9.66
N GLY B 68 16.74 10.78 10.75
CA GLY B 68 15.47 10.43 11.36
C GLY B 68 15.41 10.69 12.84
N LEU B 69 16.18 9.92 13.62
CA LEU B 69 16.19 10.10 15.07
C LEU B 69 16.86 11.42 15.46
N LYS B 70 18.06 11.68 14.92
CA LYS B 70 18.74 12.92 15.25
C LYS B 70 18.07 14.12 14.59
N ALA B 71 17.53 13.95 13.38
CA ALA B 71 16.86 15.06 12.70
C ALA B 71 15.59 15.46 13.42
N GLY B 72 14.95 14.53 14.13
CA GLY B 72 13.76 14.82 14.89
C GLY B 72 13.99 15.43 16.25
N LEU B 73 15.23 15.69 16.63
CA LEU B 73 15.54 16.27 17.93
C LEU B 73 15.25 17.76 17.94
N ASP B 74 14.66 18.23 19.03
CA ASP B 74 14.32 19.63 19.21
C ASP B 74 15.14 20.19 20.37
N GLN B 75 16.03 21.14 20.06
CA GLN B 75 16.95 21.65 21.06
C GLN B 75 16.23 22.48 22.11
N GLU B 76 15.38 23.41 21.68
CA GLU B 76 14.73 24.31 22.62
C GLU B 76 13.71 23.57 23.49
N LYS B 77 12.76 22.88 22.86
CA LYS B 77 11.73 22.20 23.63
C LYS B 77 12.28 20.98 24.37
N GLY B 78 13.34 20.37 23.86
CA GLY B 78 13.91 19.19 24.48
C GLY B 78 14.78 19.50 25.68
N GLY B 79 15.72 20.42 25.51
CA GLY B 79 16.60 20.79 26.60
C GLY B 79 17.73 19.81 26.74
N GLU B 80 17.88 19.25 27.94
CA GLU B 80 18.98 18.33 28.20
C GLU B 80 18.76 16.97 27.53
N ILE B 81 17.50 16.56 27.36
CA ILE B 81 17.22 15.26 26.79
C ILE B 81 17.63 15.22 25.31
N ALA B 82 17.40 16.33 24.59
CA ALA B 82 17.72 16.35 23.17
C ALA B 82 19.23 16.37 22.93
N THR B 83 19.95 17.20 23.68
CA THR B 83 21.39 17.31 23.49
C THR B 83 22.10 16.02 23.91
N ASN B 84 21.61 15.38 24.97
CA ASN B 84 22.22 14.12 25.41
C ASN B 84 22.01 13.03 24.37
N LEU B 85 20.86 13.02 23.70
CA LEU B 85 20.64 12.07 22.62
C LEU B 85 21.43 12.44 21.38
N SER B 86 21.65 13.75 21.15
CA SER B 86 22.41 14.17 19.97
C SER B 86 23.86 13.74 20.07
N GLU B 87 24.48 13.92 21.24
CA GLU B 87 25.82 13.39 21.45
C GLU B 87 25.85 11.88 21.36
N LEU B 88 24.79 11.23 21.87
CA LEU B 88 24.72 9.78 21.81
C LEU B 88 24.46 9.30 20.38
N TYR B 89 23.71 10.07 19.60
CA TYR B 89 23.50 9.71 18.19
C TYR B 89 24.75 9.95 17.36
N ASP B 90 25.54 10.97 17.68
CA ASP B 90 26.78 11.22 16.96
C ASP B 90 27.79 10.11 17.18
N TYR B 91 27.76 9.47 18.37
CA TYR B 91 28.66 8.35 18.62
C TYR B 91 28.30 7.15 17.76
N MET B 92 26.99 6.90 17.57
CA MET B 92 26.56 5.77 16.75
C MET B 92 26.98 5.96 15.30
N ILE B 93 26.75 7.14 14.76
CA ILE B 93 27.11 7.42 13.37
C ILE B 93 28.61 7.27 13.17
N ARG B 94 29.40 7.76 14.13
CA ARG B 94 30.85 7.66 14.02
C ARG B 94 31.30 6.21 14.13
N ARG B 95 30.63 5.41 14.96
CA ARG B 95 30.98 4.01 15.12
C ARG B 95 30.54 3.17 13.93
N LEU B 96 29.40 3.50 13.32
CA LEU B 96 28.95 2.73 12.17
C LEU B 96 29.77 3.04 10.93
N LEU B 97 30.27 4.28 10.79
CA LEU B 97 31.18 4.59 9.70
C LEU B 97 32.48 3.80 9.83
N GLN B 98 32.97 3.64 11.06
CA GLN B 98 34.15 2.80 11.28
C GLN B 98 33.83 1.32 11.08
N ALA B 99 32.58 0.92 11.39
CA ALA B 99 32.20 -0.48 11.21
C ALA B 99 32.16 -0.86 9.74
N ASN B 100 31.81 0.08 8.86
CA ASN B 100 31.78 -0.21 7.43
C ASN B 100 33.17 -0.09 6.81
N LEU B 101 34.01 0.80 7.33
CA LEU B 101 35.34 1.00 6.77
C LEU B 101 36.33 -0.06 7.26
N ARG B 102 36.15 -0.55 8.48
CA ARG B 102 37.05 -1.55 9.05
C ARG B 102 36.45 -2.95 9.08
N ASN B 103 35.20 -3.12 8.62
CA ASN B 103 34.50 -4.40 8.68
C ASN B 103 34.47 -4.96 10.11
N ASP B 104 34.24 -4.08 11.08
CA ASP B 104 34.23 -4.45 12.48
C ASP B 104 32.81 -4.85 12.88
N ALA B 105 32.65 -6.07 13.39
CA ALA B 105 31.33 -6.57 13.76
C ALA B 105 30.91 -6.09 15.15
N GLN B 106 31.87 -5.99 16.08
CA GLN B 106 31.53 -5.55 17.43
C GLN B 106 31.13 -4.08 17.46
N ALA B 107 31.60 -3.29 16.49
CA ALA B 107 31.15 -1.91 16.39
C ALA B 107 29.68 -1.82 16.06
N ILE B 108 29.17 -2.77 15.26
CA ILE B 108 27.74 -2.82 14.99
C ILE B 108 26.98 -3.30 16.22
N GLU B 109 27.57 -4.20 17.01
CA GLU B 109 26.87 -4.78 18.15
C GLU B 109 26.65 -3.76 19.25
N GLU B 110 27.67 -2.93 19.54
CA GLU B 110 27.49 -1.94 20.60
C GLU B 110 26.52 -0.85 20.20
N VAL B 111 26.49 -0.48 18.92
CA VAL B 111 25.47 0.46 18.45
C VAL B 111 24.10 -0.21 18.48
N GLU B 112 24.05 -1.50 18.14
CA GLU B 112 22.81 -2.26 18.29
C GLU B 112 22.39 -2.35 19.75
N ARG B 113 23.36 -2.38 20.67
CA ARG B 113 23.04 -2.43 22.10
C ARG B 113 22.65 -1.05 22.63
N LEU B 114 23.35 0.00 22.21
CA LEU B 114 23.02 1.34 22.69
C LEU B 114 21.66 1.81 22.18
N LEU B 115 21.31 1.43 20.94
CA LEU B 115 19.99 1.77 20.42
C LEU B 115 18.89 1.04 21.19
N SER B 116 19.11 -0.24 21.50
CA SER B 116 18.12 -1.00 22.26
C SER B 116 17.96 -0.44 23.67
N ASN B 117 19.03 0.08 24.25
CA ASN B 117 18.95 0.66 25.59
C ASN B 117 18.07 1.91 25.60
N ILE B 118 17.99 2.61 24.48
CA ILE B 118 17.13 3.80 24.38
C ILE B 118 15.74 3.43 23.89
N ALA B 119 15.64 2.48 22.96
CA ALA B 119 14.35 2.11 22.39
C ALA B 119 13.46 1.43 23.43
N GLU B 120 14.04 0.62 24.32
CA GLU B 120 13.25 -0.04 25.35
C GLU B 120 12.61 0.97 26.29
N ALA B 121 13.33 2.05 26.60
CA ALA B 121 12.74 3.10 27.43
C ALA B 121 11.72 3.91 26.66
N TRP B 122 11.85 3.98 25.33
CA TRP B 122 10.91 4.74 24.52
C TRP B 122 9.61 3.98 24.30
N LYS B 123 9.65 2.65 24.24
CA LYS B 123 8.45 1.87 24.06
C LYS B 123 7.54 1.89 25.29
N GLN B 124 8.09 2.20 26.46
CA GLN B 124 7.35 2.22 27.70
C GLN B 124 6.86 3.61 28.09
N ILE B 125 7.06 4.61 27.23
CA ILE B 125 6.76 5.99 27.59
C ILE B 125 5.62 6.50 26.73
N SER B 126 4.73 5.59 26.30
CA SER B 126 3.62 5.95 25.44
C SER B 126 2.77 7.03 26.10
N PRO B 127 2.21 7.94 25.30
CA PRO B 127 1.53 9.13 25.88
C PRO B 127 0.15 8.81 26.40
N LYS B 128 -0.14 9.29 27.61
CA LYS B 128 -1.48 9.20 28.20
C LYS B 128 -1.66 10.29 29.24
N SER B 160 33.26 3.88 24.56
CA SER B 160 32.59 2.61 24.80
C SER B 160 31.83 2.64 26.13
N ASP B 161 32.59 2.61 27.24
CA ASP B 161 31.97 2.69 28.55
C ASP B 161 31.35 4.07 28.79
N TYR B 162 31.96 5.12 28.23
CA TYR B 162 31.38 6.46 28.36
C TYR B 162 30.06 6.56 27.60
N ALA B 163 29.99 5.94 26.41
CA ALA B 163 28.75 5.98 25.64
C ALA B 163 27.63 5.20 26.32
N THR B 164 27.97 4.15 27.07
CA THR B 164 26.95 3.40 27.79
C THR B 164 26.31 4.24 28.89
N GLU B 165 27.12 5.02 29.61
CA GLU B 165 26.56 5.91 30.63
C GLU B 165 25.78 7.06 30.01
N VAL B 166 26.16 7.48 28.80
CA VAL B 166 25.39 8.51 28.10
C VAL B 166 24.01 7.98 27.74
N SER B 167 23.94 6.72 27.28
CA SER B 167 22.64 6.13 26.99
C SER B 167 21.85 5.84 28.26
N ASN B 168 22.54 5.50 29.35
CA ASN B 168 21.84 5.27 30.62
C ASN B 168 21.24 6.57 31.15
N MET B 169 21.94 7.69 30.98
CA MET B 169 21.38 8.97 31.40
C MET B 169 20.18 9.34 30.54
N SER B 170 20.26 9.08 29.23
CA SER B 170 19.11 9.32 28.36
C SER B 170 17.97 8.37 28.67
N ARG B 171 18.30 7.12 29.00
CA ARG B 171 17.26 6.16 29.38
C ARG B 171 16.53 6.61 30.64
N ALA B 172 17.27 7.15 31.61
CA ALA B 172 16.62 7.63 32.83
C ALA B 172 15.81 8.90 32.58
N GLN B 173 16.28 9.77 31.67
CA GLN B 173 15.52 10.98 31.36
C GLN B 173 14.22 10.67 30.64
N ILE B 174 14.24 9.65 29.77
CA ILE B 174 13.03 9.29 29.04
C ILE B 174 11.97 8.72 29.98
N LEU B 175 12.40 7.88 30.92
CA LEU B 175 11.44 7.25 31.83
C LEU B 175 10.92 8.24 32.87
N GLN B 176 11.80 9.06 33.43
CA GLN B 176 11.40 9.99 34.48
C GLN B 176 10.77 11.26 33.95
N GLN B 177 11.07 11.65 32.71
CA GLN B 177 10.50 12.84 32.09
C GLN B 177 9.85 12.42 30.78
N ALA B 178 8.52 12.27 30.81
CA ALA B 178 7.79 11.73 29.66
C ALA B 178 7.52 12.81 28.61
N GLY B 179 6.76 13.84 28.99
CA GLY B 179 6.34 14.84 28.01
C GLY B 179 7.50 15.61 27.41
N THR B 180 8.50 15.95 28.23
CA THR B 180 9.65 16.68 27.72
C THR B 180 10.48 15.84 26.77
N SER B 181 10.50 14.52 26.96
CA SER B 181 11.20 13.64 26.01
C SER B 181 10.41 13.51 24.72
N VAL B 182 9.08 13.51 24.80
CA VAL B 182 8.26 13.51 23.59
C VAL B 182 8.46 14.82 22.82
N LEU B 183 8.53 15.95 23.53
CA LEU B 183 8.85 17.21 22.88
C LEU B 183 10.26 17.20 22.30
N ALA B 184 11.14 16.36 22.86
CA ALA B 184 12.53 16.33 22.41
C ALA B 184 12.70 15.50 21.13
N GLN B 185 12.12 14.30 21.11
CA GLN B 185 12.34 13.35 20.04
C GLN B 185 11.18 13.23 19.07
N ALA B 186 9.95 13.12 19.57
CA ALA B 186 8.77 12.89 18.73
C ALA B 186 8.45 14.16 17.96
N ASN B 187 9.23 14.40 16.89
CA ASN B 187 9.02 15.57 16.04
C ASN B 187 9.22 15.24 14.56
N GLN B 188 9.14 13.97 14.17
CA GLN B 188 9.39 13.57 12.79
C GLN B 188 8.09 13.55 11.99
N VAL B 189 8.22 13.78 10.70
CA VAL B 189 7.09 13.82 9.78
C VAL B 189 6.85 12.43 9.22
N PRO B 190 5.60 11.98 9.11
CA PRO B 190 5.34 10.66 8.50
C PRO B 190 5.89 10.53 7.09
N GLN B 191 6.00 11.64 6.35
CA GLN B 191 6.57 11.58 5.01
C GLN B 191 8.05 11.19 5.04
N ASN B 192 8.77 11.65 6.06
CA ASN B 192 10.19 11.31 6.19
C ASN B 192 10.38 9.89 6.70
N VAL B 193 9.54 9.45 7.63
CA VAL B 193 9.67 8.10 8.17
C VAL B 193 9.46 7.07 7.08
N LEU B 194 8.54 7.33 6.15
CA LEU B 194 8.28 6.38 5.08
C LEU B 194 9.50 6.21 4.18
N SER B 195 10.08 7.31 3.70
CA SER B 195 11.21 7.24 2.80
C SER B 195 12.43 6.61 3.47
N LEU B 196 12.57 6.78 4.79
CA LEU B 196 13.71 6.19 5.49
C LEU B 196 13.55 4.69 5.64
N LEU B 197 12.31 4.18 5.72
CA LEU B 197 12.06 2.76 5.92
C LEU B 197 11.68 2.03 4.65
N ARG B 198 11.11 2.71 3.67
CA ARG B 198 10.72 2.08 2.41
C ARG B 198 11.94 1.65 1.61
#